data_4OM7
#
_entry.id   4OM7
#
_cell.length_a   127.607
_cell.length_b   44.199
_cell.length_c   75.723
_cell.angle_alpha   90.00
_cell.angle_beta   118.90
_cell.angle_gamma   90.00
#
_symmetry.space_group_name_H-M   'C 1 2 1'
#
loop_
_entity.id
_entity.type
_entity.pdbx_description
1 polymer 'Toll-like receptor 6'
2 water water
#
_entity_poly.entity_id   1
_entity_poly.type   'polypeptide(L)'
_entity_poly.pdbx_seq_one_letter_code
;LQFHAFISYSEHDSAWVKSELVPYLEKEDIQICLHERNFVPGKSIVENIINCIEKSYKSIFVLSPNFVQSEWCHYELYFA
HHNLFHEGSNNLILILLEPIPQNSIPNKYHKLKALMTQRTYLQWPKEKSKRGLFWANIRAAFNMKLTLVTENNDVKSMKL
TLVTENNDVKSLEHHHHHH
;
_entity_poly.pdbx_strand_id   A,B
#
# COMPACT_ATOMS: atom_id res chain seq x y z
N LEU A 1 2.18 24.97 12.71
CA LEU A 1 1.37 24.18 11.78
C LEU A 1 1.33 24.88 10.44
N GLN A 2 1.46 24.11 9.37
CA GLN A 2 1.35 24.64 8.00
C GLN A 2 0.03 24.35 7.30
N PHE A 3 -0.71 23.36 7.79
CA PHE A 3 -1.94 22.87 7.12
C PHE A 3 -3.08 22.76 8.10
N HIS A 4 -4.31 22.99 7.64
CA HIS A 4 -5.45 22.81 8.52
C HIS A 4 -5.76 21.32 8.62
N ALA A 5 -5.46 20.59 7.55
CA ALA A 5 -5.83 19.19 7.45
C ALA A 5 -4.87 18.31 6.64
N PHE A 6 -4.52 17.17 7.22
CA PHE A 6 -3.89 16.08 6.47
C PHE A 6 -5.05 15.20 6.05
N ILE A 7 -5.05 14.72 4.81
CA ILE A 7 -6.06 13.73 4.40
C ILE A 7 -5.39 12.43 3.97
N SER A 8 -5.70 11.35 4.67
CA SER A 8 -5.21 10.00 4.36
C SER A 8 -6.33 9.18 3.76
N TYR A 9 -6.11 8.65 2.57
CA TYR A 9 -7.15 7.94 1.83
C TYR A 9 -6.58 6.91 0.85
N SER A 10 -7.45 6.02 0.37
CA SER A 10 -7.06 5.03 -0.62
C SER A 10 -7.37 5.51 -2.03
N GLU A 11 -6.52 5.14 -3.01
CA GLU A 11 -6.75 5.57 -4.39
C GLU A 11 -8.09 5.08 -4.92
N HIS A 12 -8.54 3.95 -4.40
CA HIS A 12 -9.86 3.45 -4.75
C HIS A 12 -10.99 4.45 -4.42
N ASP A 13 -10.72 5.39 -3.52
CA ASP A 13 -11.75 6.33 -3.07
C ASP A 13 -11.42 7.72 -3.59
N SER A 14 -10.39 7.78 -4.42
CA SER A 14 -9.88 9.03 -5.00
C SER A 14 -10.98 9.98 -5.48
N ALA A 15 -11.86 9.50 -6.36
CA ALA A 15 -12.94 10.30 -6.92
C ALA A 15 -13.69 11.03 -5.82
N TRP A 16 -14.16 10.30 -4.81
CA TRP A 16 -14.97 10.93 -3.77
C TRP A 16 -14.19 11.98 -3.01
N VAL A 17 -12.91 11.74 -2.80
CA VAL A 17 -12.13 12.68 -2.03
C VAL A 17 -11.92 13.93 -2.87
N LYS A 18 -11.74 13.75 -4.18
CA LYS A 18 -11.32 14.91 -4.96
C LYS A 18 -12.46 15.75 -5.52
N SER A 19 -13.67 15.20 -5.50
CA SER A 19 -14.84 15.92 -5.98
C SER A 19 -15.74 16.42 -4.86
N GLU A 20 -15.64 15.81 -3.69
CA GLU A 20 -16.50 16.18 -2.58
C GLU A 20 -15.73 16.81 -1.42
N LEU A 21 -14.91 16.01 -0.76
CA LEU A 21 -14.20 16.43 0.44
C LEU A 21 -13.27 17.62 0.19
N VAL A 22 -12.35 17.46 -0.75
CA VAL A 22 -11.35 18.50 -1.01
C VAL A 22 -11.92 19.87 -1.45
N PRO A 23 -12.85 19.90 -2.42
CA PRO A 23 -13.40 21.23 -2.69
C PRO A 23 -14.24 21.79 -1.54
N TYR A 24 -14.94 20.94 -0.79
CA TYR A 24 -15.66 21.45 0.36
C TYR A 24 -14.68 22.11 1.32
N LEU A 25 -13.54 21.48 1.57
CA LEU A 25 -12.62 22.06 2.54
C LEU A 25 -11.98 23.31 1.98
N GLU A 26 -11.61 23.28 0.70
CA GLU A 26 -10.95 24.42 0.07
C GLU A 26 -11.85 25.67 0.02
N LYS A 27 -13.14 25.48 -0.21
CA LYS A 27 -14.10 26.60 -0.16
C LYS A 27 -14.10 27.29 1.20
N GLU A 28 -13.77 26.55 2.26
CA GLU A 28 -13.81 27.14 3.59
C GLU A 28 -12.43 27.56 4.06
N ASP A 29 -11.52 27.75 3.11
CA ASP A 29 -10.16 28.21 3.42
C ASP A 29 -9.42 27.21 4.32
N ILE A 30 -9.61 25.93 4.06
CA ILE A 30 -8.92 24.90 4.81
C ILE A 30 -7.83 24.31 3.93
N GLN A 31 -6.58 24.62 4.26
CA GLN A 31 -5.46 24.14 3.46
C GLN A 31 -5.11 22.69 3.82
N ILE A 32 -4.86 21.92 2.78
CA ILE A 32 -4.74 20.49 2.89
C ILE A 32 -3.35 19.97 2.50
N CYS A 33 -2.85 19.00 3.28
CA CYS A 33 -1.62 18.29 2.98
C CYS A 33 -2.02 16.93 2.37
N LEU A 34 -1.48 16.62 1.19
CA LEU A 34 -1.76 15.39 0.43
C LEU A 34 -0.50 14.75 -0.11
N HIS A 35 -0.58 13.45 -0.32
CA HIS A 35 0.58 12.69 -0.78
C HIS A 35 1.01 13.02 -2.20
N GLU A 36 0.08 13.49 -3.02
CA GLU A 36 0.38 13.80 -4.42
C GLU A 36 1.21 15.07 -4.49
N ARG A 37 0.87 16.05 -3.68
CA ARG A 37 1.56 17.34 -3.71
C ARG A 37 2.73 17.46 -2.73
N ASN A 38 2.60 16.83 -1.57
CA ASN A 38 3.61 16.98 -0.52
C ASN A 38 4.68 15.89 -0.36
N PHE A 39 4.35 14.65 -0.72
CA PHE A 39 5.32 13.55 -0.59
C PHE A 39 6.54 13.79 -1.49
N VAL A 40 7.72 13.42 -0.99
CA VAL A 40 9.00 13.56 -1.69
C VAL A 40 9.78 12.23 -1.68
N PRO A 41 10.46 11.87 -2.80
CA PRO A 41 11.28 10.64 -2.78
C PRO A 41 12.63 10.92 -2.16
N GLY A 42 13.26 9.89 -1.61
CA GLY A 42 14.46 10.05 -0.80
C GLY A 42 13.97 10.08 0.64
N LYS A 43 12.65 10.12 0.78
CA LYS A 43 11.98 9.97 2.06
C LYS A 43 11.02 8.80 1.97
N SER A 44 10.98 8.00 3.02
CA SER A 44 10.04 6.90 3.06
C SER A 44 8.62 7.41 3.22
N ILE A 45 7.68 6.48 3.09
CA ILE A 45 6.27 6.80 3.24
C ILE A 45 6.08 7.21 4.68
N VAL A 46 6.80 6.55 5.57
CA VAL A 46 6.71 6.84 6.98
C VAL A 46 7.01 8.32 7.22
N GLU A 47 8.09 8.83 6.63
CA GLU A 47 8.51 10.22 6.85
C GLU A 47 7.58 11.25 6.21
N ASN A 48 7.04 10.93 5.05
CA ASN A 48 6.08 11.84 4.44
C ASN A 48 4.82 11.94 5.29
N ILE A 49 4.31 10.77 5.69
CA ILE A 49 3.13 10.71 6.56
C ILE A 49 3.41 11.51 7.83
N ILE A 50 4.56 11.27 8.46
CA ILE A 50 4.89 12.01 9.67
C ILE A 50 4.89 13.53 9.45
N ASN A 51 5.47 13.96 8.34
CA ASN A 51 5.47 15.38 8.00
C ASN A 51 4.05 15.97 7.93
N CYS A 52 3.18 15.33 7.14
CA CYS A 52 1.81 15.80 7.08
C CYS A 52 1.12 15.81 8.41
N ILE A 53 1.30 14.74 9.19
CA ILE A 53 0.61 14.67 10.48
C ILE A 53 1.05 15.77 11.41
N GLU A 54 2.36 15.99 11.48
CA GLU A 54 2.88 16.98 12.42
C GLU A 54 2.59 18.40 12.01
N LYS A 55 2.51 18.66 10.70
CA LYS A 55 2.25 20.03 10.23
C LYS A 55 0.76 20.38 10.08
N SER A 56 -0.12 19.44 10.40
CA SER A 56 -1.53 19.68 10.18
C SER A 56 -2.31 19.79 11.48
N TYR A 57 -3.31 20.68 11.50
CA TYR A 57 -4.17 20.87 12.67
C TYR A 57 -4.97 19.60 12.96
N LYS A 58 -5.59 19.05 11.93
CA LYS A 58 -6.35 17.82 12.06
C LYS A 58 -5.85 16.81 11.06
N SER A 59 -6.10 15.54 11.33
CA SER A 59 -5.83 14.53 10.35
C SER A 59 -7.12 13.77 10.06
N ILE A 60 -7.51 13.75 8.80
CA ILE A 60 -8.70 13.06 8.32
C ILE A 60 -8.36 11.71 7.70
N PHE A 61 -8.97 10.64 8.21
CA PHE A 61 -8.78 9.32 7.63
C PHE A 61 -10.06 8.89 6.93
N VAL A 62 -9.98 8.65 5.62
CA VAL A 62 -11.17 8.24 4.85
C VAL A 62 -11.28 6.71 4.86
N LEU A 63 -12.02 6.19 5.82
CA LEU A 63 -12.11 4.75 6.00
C LEU A 63 -13.08 4.05 4.99
N SER A 64 -12.60 2.96 4.39
CA SER A 64 -13.39 2.07 3.54
C SER A 64 -12.68 0.72 3.54
N PRO A 65 -13.34 -0.34 3.03
CA PRO A 65 -12.67 -1.66 3.00
C PRO A 65 -11.38 -1.64 2.20
N ASN A 66 -11.37 -0.88 1.12
CA ASN A 66 -10.17 -0.68 0.31
C ASN A 66 -9.05 0.01 1.09
N PHE A 67 -9.44 0.97 1.92
CA PHE A 67 -8.47 1.66 2.77
C PHE A 67 -7.87 0.63 3.74
N VAL A 68 -8.70 -0.25 4.27
CA VAL A 68 -8.18 -1.28 5.15
C VAL A 68 -7.17 -2.17 4.42
N GLN A 69 -7.50 -2.57 3.20
CA GLN A 69 -6.66 -3.54 2.50
C GLN A 69 -5.39 -2.96 1.91
N SER A 70 -5.34 -1.65 1.69
CA SER A 70 -4.17 -1.08 1.03
C SER A 70 -3.39 -0.02 1.81
N GLU A 71 -4.04 0.67 2.74
CA GLU A 71 -3.40 1.82 3.38
C GLU A 71 -3.12 1.63 4.89
N TRP A 72 -3.91 0.82 5.58
CA TRP A 72 -3.73 0.75 7.03
C TRP A 72 -2.40 0.15 7.50
N CYS A 73 -1.87 -0.81 6.73
CA CYS A 73 -0.66 -1.52 7.13
C CYS A 73 0.44 -0.60 7.68
N HIS A 74 0.74 0.49 6.98
CA HIS A 74 1.74 1.47 7.40
C HIS A 74 1.45 2.04 8.79
N TYR A 75 0.17 2.35 9.05
CA TYR A 75 -0.22 2.96 10.30
C TYR A 75 -0.14 1.96 11.46
N GLU A 76 -0.53 0.73 11.21
CA GLU A 76 -0.37 -0.33 12.23
C GLU A 76 1.10 -0.53 12.56
N LEU A 77 1.95 -0.53 11.53
CA LEU A 77 3.37 -0.82 11.74
C LEU A 77 4.10 0.33 12.43
N TYR A 78 3.78 1.56 12.04
CA TYR A 78 4.58 2.70 12.47
C TYR A 78 3.89 3.68 13.39
N PHE A 79 2.55 3.68 13.42
CA PHE A 79 1.84 4.76 14.10
C PHE A 79 0.89 4.32 15.20
N ALA A 80 0.95 3.05 15.57
CA ALA A 80 0.04 2.47 16.55
C ALA A 80 0.07 3.18 17.90
N HIS A 81 1.26 3.64 18.29
CA HIS A 81 1.45 4.31 19.59
C HIS A 81 1.37 5.84 19.47
N HIS A 82 0.99 6.32 18.28
CA HIS A 82 0.96 7.76 18.03
C HIS A 82 -0.17 8.47 18.77
N ASN A 83 0.11 9.64 19.34
CA ASN A 83 -0.93 10.48 19.97
C ASN A 83 -2.23 10.64 19.19
N LEU A 84 -2.12 10.73 17.87
CA LEU A 84 -3.28 10.86 16.99
C LEU A 84 -4.31 9.76 17.19
N PHE A 85 -3.82 8.55 17.44
CA PHE A 85 -4.68 7.39 17.59
C PHE A 85 -4.96 6.98 19.07
N HIS A 86 -4.62 7.86 20.00
CA HIS A 86 -4.86 7.62 21.41
C HIS A 86 -6.27 8.12 21.74
N GLU A 87 -7.03 7.38 22.53
CA GLU A 87 -8.42 7.76 22.74
C GLU A 87 -8.45 9.06 23.55
N GLY A 88 -9.31 9.99 23.15
CA GLY A 88 -9.29 11.30 23.77
C GLY A 88 -8.25 12.21 23.14
N SER A 89 -8.10 12.11 21.84
CA SER A 89 -7.25 13.01 21.09
C SER A 89 -8.19 13.90 20.30
N ASN A 90 -8.02 15.21 20.39
CA ASN A 90 -8.91 16.14 19.70
C ASN A 90 -8.66 16.23 18.19
N ASN A 91 -7.56 15.67 17.68
CA ASN A 91 -7.16 15.97 16.30
C ASN A 91 -7.46 14.94 15.23
N LEU A 92 -8.02 13.81 15.62
CA LEU A 92 -8.38 12.78 14.67
C LEU A 92 -9.79 12.93 14.12
N ILE A 93 -9.92 12.85 12.80
CA ILE A 93 -11.27 12.80 12.22
C ILE A 93 -11.35 11.54 11.38
N LEU A 94 -12.22 10.62 11.79
CA LEU A 94 -12.47 9.41 11.04
C LEU A 94 -13.77 9.52 10.23
N ILE A 95 -13.65 9.30 8.94
CA ILE A 95 -14.79 9.30 8.02
C ILE A 95 -14.99 7.89 7.51
N LEU A 96 -16.17 7.33 7.76
CA LEU A 96 -16.53 6.03 7.24
C LEU A 96 -17.29 6.25 5.92
N LEU A 97 -16.57 6.11 4.83
CA LEU A 97 -17.11 6.46 3.52
C LEU A 97 -17.98 5.31 3.02
N GLU A 98 -17.60 4.08 3.38
CA GLU A 98 -18.35 2.87 3.09
C GLU A 98 -18.16 1.97 4.30
N PRO A 99 -19.18 1.20 4.66
CA PRO A 99 -19.13 0.34 5.85
C PRO A 99 -18.01 -0.70 5.80
N ILE A 100 -17.47 -1.04 6.98
CA ILE A 100 -16.45 -2.07 7.15
C ILE A 100 -16.88 -3.05 8.22
N PRO A 101 -17.32 -4.26 7.81
CA PRO A 101 -17.68 -5.25 8.82
C PRO A 101 -16.42 -5.57 9.62
N GLN A 102 -16.54 -5.66 10.95
CA GLN A 102 -15.37 -5.80 11.82
C GLN A 102 -14.55 -7.03 11.47
N ASN A 103 -15.25 -8.07 11.04
CA ASN A 103 -14.64 -9.35 10.69
C ASN A 103 -13.97 -9.33 9.32
N SER A 104 -14.05 -8.21 8.61
CA SER A 104 -13.34 -8.05 7.35
C SER A 104 -11.91 -7.52 7.56
N ILE A 105 -11.65 -7.02 8.77
CA ILE A 105 -10.37 -6.39 9.12
C ILE A 105 -9.33 -7.44 9.55
N PRO A 106 -8.18 -7.47 8.86
CA PRO A 106 -7.11 -8.43 9.17
C PRO A 106 -6.78 -8.43 10.66
N ASN A 107 -6.55 -9.61 11.22
CA ASN A 107 -6.45 -9.70 12.68
C ASN A 107 -5.20 -9.08 13.29
N LYS A 108 -4.18 -8.79 12.49
CA LYS A 108 -2.99 -8.16 13.08
C LYS A 108 -3.16 -6.64 13.24
N TYR A 109 -4.22 -6.08 12.65
CA TYR A 109 -4.51 -4.64 12.76
C TYR A 109 -5.23 -4.31 14.08
N HIS A 110 -4.55 -4.50 15.21
CA HIS A 110 -5.15 -4.33 16.55
C HIS A 110 -5.61 -2.91 16.86
N LYS A 111 -4.83 -1.94 16.43
CA LYS A 111 -5.20 -0.57 16.63
C LYS A 111 -6.39 -0.20 15.76
N LEU A 112 -6.40 -0.65 14.51
CA LEU A 112 -7.54 -0.29 13.69
C LEU A 112 -8.85 -0.81 14.29
N LYS A 113 -8.84 -2.04 14.78
CA LYS A 113 -10.02 -2.63 15.39
C LYS A 113 -10.37 -1.89 16.69
N ALA A 114 -9.38 -1.55 17.51
CA ALA A 114 -9.65 -0.73 18.69
C ALA A 114 -10.36 0.59 18.33
N LEU A 115 -9.86 1.28 17.30
CA LEU A 115 -10.48 2.52 16.83
C LEU A 115 -11.92 2.33 16.33
N MET A 116 -12.14 1.30 15.52
CA MET A 116 -13.49 1.04 15.00
C MET A 116 -14.47 0.72 16.13
N THR A 117 -13.95 0.04 17.15
CA THR A 117 -14.74 -0.25 18.34
C THR A 117 -15.11 1.02 19.11
N GLN A 118 -14.20 2.00 19.13
CA GLN A 118 -14.52 3.27 19.78
C GLN A 118 -15.79 3.98 19.24
N ARG A 119 -16.05 3.84 17.94
CA ARG A 119 -17.17 4.50 17.25
C ARG A 119 -17.23 6.02 17.34
N THR A 120 -16.15 6.68 16.96
CA THR A 120 -16.15 8.13 16.89
C THR A 120 -16.32 8.60 15.44
N TYR A 121 -16.48 7.65 14.52
CA TYR A 121 -16.46 8.00 13.10
C TYR A 121 -17.68 8.74 12.61
N LEU A 122 -17.49 9.52 11.54
CA LEU A 122 -18.55 10.27 10.87
C LEU A 122 -18.96 9.51 9.61
N GLN A 123 -20.19 9.06 9.56
CA GLN A 123 -20.62 8.15 8.50
C GLN A 123 -21.15 8.91 7.28
N TRP A 124 -20.71 8.51 6.09
CA TRP A 124 -21.25 9.10 4.86
C TRP A 124 -22.60 8.46 4.60
N PRO A 125 -23.66 9.29 4.48
CA PRO A 125 -25.04 8.79 4.38
C PRO A 125 -25.42 8.39 2.98
N LYS A 126 -26.17 7.28 2.85
CA LYS A 126 -26.72 6.87 1.57
C LYS A 126 -27.65 7.95 1.00
N GLU A 127 -28.58 8.37 1.84
CA GLU A 127 -29.49 9.46 1.50
C GLU A 127 -28.83 10.81 1.30
N LYS A 128 -29.05 11.40 0.13
CA LYS A 128 -28.43 12.66 -0.27
C LYS A 128 -29.05 13.87 0.46
N SER A 129 -30.20 13.67 1.09
CA SER A 129 -30.83 14.76 1.82
C SER A 129 -30.22 14.91 3.22
N LYS A 130 -29.58 13.84 3.70
CA LYS A 130 -28.95 13.87 5.02
C LYS A 130 -27.46 14.24 4.94
N ARG A 131 -26.93 14.40 3.73
CA ARG A 131 -25.62 15.03 3.59
C ARG A 131 -25.87 16.44 4.06
N GLY A 132 -24.86 17.26 4.25
CA GLY A 132 -25.17 18.56 4.83
C GLY A 132 -25.12 18.45 6.34
N LEU A 133 -25.76 17.41 6.89
CA LEU A 133 -25.56 17.01 8.28
C LEU A 133 -24.14 16.42 8.49
N PHE A 134 -23.68 15.67 7.50
CA PHE A 134 -22.32 15.17 7.45
C PHE A 134 -21.39 16.37 7.43
N TRP A 135 -21.60 17.24 6.47
CA TRP A 135 -20.80 18.44 6.36
C TRP A 135 -20.87 19.31 7.62
N ALA A 136 -22.02 19.32 8.29
CA ALA A 136 -22.13 20.05 9.55
C ALA A 136 -21.19 19.47 10.60
N ASN A 137 -21.11 18.15 10.68
CA ASN A 137 -20.13 17.57 11.60
C ASN A 137 -18.67 17.86 11.20
N ILE A 138 -18.40 17.84 9.90
CA ILE A 138 -17.06 18.20 9.41
C ILE A 138 -16.66 19.64 9.81
N ARG A 139 -17.56 20.60 9.54
CA ARG A 139 -17.27 21.99 9.88
C ARG A 139 -17.17 22.21 11.39
N ALA A 140 -17.94 21.44 12.16
CA ALA A 140 -17.77 21.45 13.61
C ALA A 140 -16.37 20.98 13.99
N ALA A 141 -15.87 19.96 13.29
CA ALA A 141 -14.55 19.41 13.60
C ALA A 141 -13.47 20.43 13.31
N PHE A 142 -13.72 21.32 12.36
CA PHE A 142 -12.74 22.34 12.06
C PHE A 142 -13.18 23.66 12.69
N ASN A 143 -13.66 24.56 11.85
CA ASN A 143 -14.34 25.80 12.28
C ASN A 143 -15.03 25.76 13.63
N LEU B 1 0.74 -27.92 -10.42
CA LEU B 1 0.69 -26.47 -10.22
C LEU B 1 -0.16 -25.84 -11.31
N GLN B 2 -0.86 -24.75 -10.98
CA GLN B 2 -1.65 -24.06 -11.98
C GLN B 2 -0.78 -23.00 -12.62
N PHE B 3 0.15 -22.45 -11.84
CA PHE B 3 0.93 -21.33 -12.38
C PHE B 3 2.41 -21.56 -12.20
N HIS B 4 3.16 -21.11 -13.19
CA HIS B 4 4.60 -21.16 -13.09
C HIS B 4 5.16 -19.97 -12.28
N ALA B 5 4.41 -18.86 -12.24
CA ALA B 5 4.93 -17.63 -11.63
C ALA B 5 3.87 -16.71 -11.00
N PHE B 6 4.14 -16.27 -9.76
CA PHE B 6 3.39 -15.17 -9.14
C PHE B 6 4.18 -13.90 -9.40
N ILE B 7 3.52 -12.79 -9.67
CA ILE B 7 4.24 -11.55 -9.85
C ILE B 7 3.67 -10.49 -8.92
N SER B 8 4.50 -10.05 -7.98
CA SER B 8 4.10 -9.02 -7.03
C SER B 8 4.78 -7.75 -7.49
N TYR B 9 4.01 -6.69 -7.65
CA TYR B 9 4.53 -5.45 -8.20
C TYR B 9 3.65 -4.27 -7.80
N SER B 10 4.15 -3.06 -7.97
CA SER B 10 3.36 -1.87 -7.65
C SER B 10 2.65 -1.38 -8.92
N GLU B 11 1.46 -0.82 -8.78
CA GLU B 11 0.77 -0.33 -9.98
C GLU B 11 1.57 0.80 -10.66
N HIS B 12 2.36 1.51 -9.88
CA HIS B 12 3.23 2.55 -10.42
C HIS B 12 4.21 1.98 -11.47
N ASP B 13 4.43 0.67 -11.44
CA ASP B 13 5.32 -0.03 -12.38
C ASP B 13 4.57 -0.93 -13.40
N SER B 14 3.24 -0.81 -13.40
CA SER B 14 2.35 -1.60 -14.26
C SER B 14 2.87 -1.70 -15.70
N ALA B 15 3.13 -0.54 -16.26
CA ALA B 15 3.59 -0.45 -17.64
C ALA B 15 4.72 -1.43 -17.90
N TRP B 16 5.79 -1.37 -17.08
CA TRP B 16 6.94 -2.20 -17.38
C TRP B 16 6.61 -3.68 -17.30
N VAL B 17 5.72 -4.01 -16.38
CA VAL B 17 5.32 -5.39 -16.17
C VAL B 17 4.46 -5.89 -17.34
N LYS B 18 3.62 -5.00 -17.89
CA LYS B 18 2.64 -5.46 -18.89
C LYS B 18 3.14 -5.40 -20.32
N SER B 19 4.18 -4.61 -20.57
CA SER B 19 4.72 -4.47 -21.92
C SER B 19 6.04 -5.22 -22.06
N GLU B 20 6.69 -5.51 -20.93
CA GLU B 20 7.98 -6.19 -20.95
C GLU B 20 7.98 -7.59 -20.32
N LEU B 21 7.76 -7.66 -19.01
CA LEU B 21 7.85 -8.92 -18.27
C LEU B 21 6.79 -9.97 -18.67
N VAL B 22 5.53 -9.59 -18.50
CA VAL B 22 4.41 -10.51 -18.75
C VAL B 22 4.37 -11.10 -20.18
N PRO B 23 4.52 -10.25 -21.21
CA PRO B 23 4.53 -10.91 -22.52
C PRO B 23 5.75 -11.81 -22.72
N TYR B 24 6.89 -11.47 -22.13
CA TYR B 24 8.08 -12.32 -22.26
C TYR B 24 7.79 -13.70 -21.70
N LEU B 25 7.09 -13.74 -20.57
CA LEU B 25 6.81 -15.01 -19.90
C LEU B 25 5.67 -15.81 -20.59
N GLU B 26 4.63 -15.09 -20.98
CA GLU B 26 3.46 -15.69 -21.64
C GLU B 26 3.88 -16.34 -22.95
N LYS B 27 4.75 -15.65 -23.69
CA LYS B 27 5.24 -16.14 -24.97
C LYS B 27 5.89 -17.52 -24.85
N GLU B 28 6.45 -17.81 -23.68
CA GLU B 28 7.12 -19.09 -23.48
C GLU B 28 6.31 -20.07 -22.61
N ASP B 29 4.98 -19.92 -22.64
CA ASP B 29 4.04 -20.82 -21.98
C ASP B 29 4.17 -20.88 -20.47
N ILE B 30 4.33 -19.72 -19.85
CA ILE B 30 4.38 -19.64 -18.40
C ILE B 30 3.08 -19.04 -17.92
N GLN B 31 2.31 -19.81 -17.15
CA GLN B 31 1.05 -19.32 -16.66
C GLN B 31 1.35 -18.44 -15.45
N ILE B 32 0.74 -17.26 -15.43
CA ILE B 32 1.02 -16.24 -14.44
C ILE B 32 -0.17 -15.99 -13.51
N CYS B 33 0.08 -15.95 -12.21
CA CYS B 33 -0.92 -15.55 -11.21
C CYS B 33 -0.68 -14.09 -10.79
N LEU B 34 -1.76 -13.35 -10.62
CA LEU B 34 -1.69 -12.00 -10.09
C LEU B 34 -2.79 -11.93 -9.02
N HIS B 35 -2.56 -11.32 -7.86
CA HIS B 35 -3.61 -11.39 -6.85
C HIS B 35 -4.80 -10.47 -7.15
N GLU B 36 -4.51 -9.37 -7.86
CA GLU B 36 -5.54 -8.45 -8.31
C GLU B 36 -6.12 -8.86 -9.68
N ARG B 37 -5.23 -9.31 -10.58
CA ARG B 37 -5.59 -9.66 -11.96
C ARG B 37 -5.99 -11.14 -12.16
N ASN B 38 -5.39 -12.04 -11.38
CA ASN B 38 -5.94 -13.41 -11.24
C ASN B 38 -6.79 -13.36 -9.98
N PHE B 39 -7.90 -12.64 -10.13
CA PHE B 39 -8.82 -12.30 -9.07
C PHE B 39 -9.41 -13.49 -8.33
N VAL B 40 -9.52 -13.36 -7.02
CA VAL B 40 -10.38 -14.22 -6.21
C VAL B 40 -11.14 -13.28 -5.26
N PRO B 41 -12.47 -13.23 -5.42
CA PRO B 41 -13.33 -12.42 -4.54
C PRO B 41 -13.75 -13.20 -3.31
N GLY B 42 -14.03 -12.49 -2.21
CA GLY B 42 -14.32 -13.14 -0.95
C GLY B 42 -13.09 -13.23 -0.07
N LYS B 43 -11.97 -12.73 -0.59
CA LYS B 43 -10.74 -12.77 0.16
C LYS B 43 -10.08 -11.41 0.41
N SER B 44 -9.42 -11.34 1.56
CA SER B 44 -8.58 -10.21 1.93
C SER B 44 -7.34 -10.18 1.04
N ILE B 45 -6.53 -9.15 1.23
CA ILE B 45 -5.31 -8.99 0.45
C ILE B 45 -4.32 -10.15 0.77
N VAL B 46 -4.21 -10.45 2.06
CA VAL B 46 -3.31 -11.48 2.56
C VAL B 46 -3.63 -12.83 1.94
N GLU B 47 -4.91 -13.17 1.94
CA GLU B 47 -5.37 -14.48 1.49
C GLU B 47 -5.15 -14.66 -0.01
N ASN B 48 -5.35 -13.59 -0.77
CA ASN B 48 -5.06 -13.60 -2.20
C ASN B 48 -3.58 -13.83 -2.46
N ILE B 49 -2.72 -13.09 -1.73
CA ILE B 49 -1.29 -13.23 -1.92
C ILE B 49 -0.78 -14.64 -1.56
N ILE B 50 -1.12 -15.11 -0.38
CA ILE B 50 -0.68 -16.44 0.05
C ILE B 50 -1.23 -17.52 -0.89
N ASN B 51 -2.43 -17.28 -1.40
CA ASN B 51 -3.01 -18.13 -2.42
C ASN B 51 -2.09 -18.21 -3.64
N CYS B 52 -1.76 -17.06 -4.22
CA CYS B 52 -0.86 -17.02 -5.37
C CYS B 52 0.51 -17.64 -5.13
N ILE B 53 1.08 -17.40 -3.95
CA ILE B 53 2.39 -17.93 -3.60
C ILE B 53 2.34 -19.46 -3.49
N GLU B 54 1.30 -20.00 -2.87
CA GLU B 54 1.20 -21.44 -2.70
C GLU B 54 0.91 -22.16 -4.02
N LYS B 55 0.20 -21.50 -4.92
CA LYS B 55 -0.13 -22.10 -6.22
C LYS B 55 0.90 -21.92 -7.34
N SER B 56 1.99 -21.21 -7.07
CA SER B 56 2.96 -20.89 -8.12
C SER B 56 4.31 -21.50 -7.85
N TYR B 57 5.00 -21.91 -8.91
CA TYR B 57 6.35 -22.45 -8.81
C TYR B 57 7.35 -21.42 -8.27
N LYS B 58 7.37 -20.23 -8.88
CA LYS B 58 8.27 -19.17 -8.43
C LYS B 58 7.46 -17.94 -8.05
N SER B 59 8.05 -17.09 -7.22
CA SER B 59 7.44 -15.80 -6.92
C SER B 59 8.43 -14.74 -7.35
N ILE B 60 7.96 -13.83 -8.21
CA ILE B 60 8.77 -12.75 -8.71
C ILE B 60 8.34 -11.46 -8.04
N PHE B 61 9.28 -10.73 -7.47
CA PHE B 61 8.99 -9.43 -6.88
C PHE B 61 9.66 -8.32 -7.69
N VAL B 62 8.86 -7.38 -8.16
CA VAL B 62 9.41 -6.30 -8.97
C VAL B 62 9.69 -5.14 -8.04
N LEU B 63 10.95 -5.08 -7.58
CA LEU B 63 11.39 -4.11 -6.60
C LEU B 63 11.68 -2.73 -7.18
N SER B 64 11.10 -1.70 -6.57
CA SER B 64 11.35 -0.31 -6.91
C SER B 64 11.04 0.53 -5.67
N PRO B 65 11.44 1.82 -5.66
CA PRO B 65 11.09 2.65 -4.50
C PRO B 65 9.60 2.66 -4.28
N ASN B 66 8.86 2.72 -5.39
CA ASN B 66 7.41 2.67 -5.33
C ASN B 66 6.83 1.36 -4.74
N PHE B 67 7.48 0.23 -5.04
CA PHE B 67 7.06 -1.06 -4.49
C PHE B 67 7.26 -1.05 -2.97
N VAL B 68 8.42 -0.55 -2.54
CA VAL B 68 8.76 -0.49 -1.13
C VAL B 68 7.74 0.33 -0.38
N GLN B 69 7.41 1.49 -0.93
CA GLN B 69 6.50 2.43 -0.27
C GLN B 69 4.99 2.08 -0.38
N SER B 70 4.59 1.22 -1.29
CA SER B 70 3.16 0.90 -1.39
C SER B 70 2.78 -0.60 -1.21
N GLU B 71 3.71 -1.52 -1.46
CA GLU B 71 3.37 -2.94 -1.43
C GLU B 71 4.05 -3.76 -0.32
N TRP B 72 5.23 -3.35 0.10
CA TRP B 72 5.98 -4.22 0.99
C TRP B 72 5.40 -4.43 2.40
N CYS B 73 4.77 -3.41 2.94
CA CYS B 73 4.28 -3.47 4.30
C CYS B 73 3.52 -4.78 4.63
N HIS B 74 2.63 -5.21 3.73
CA HIS B 74 1.85 -6.44 3.93
C HIS B 74 2.73 -7.64 4.07
N TYR B 75 3.77 -7.69 3.25
CA TYR B 75 4.71 -8.80 3.27
C TYR B 75 5.54 -8.80 4.56
N GLU B 76 5.99 -7.63 5.01
CA GLU B 76 6.77 -7.59 6.27
C GLU B 76 5.90 -8.07 7.41
N LEU B 77 4.67 -7.57 7.43
CA LEU B 77 3.80 -7.83 8.56
C LEU B 77 3.26 -9.25 8.59
N TYR B 78 2.90 -9.80 7.44
CA TYR B 78 2.22 -11.09 7.43
C TYR B 78 3.07 -12.25 6.92
N PHE B 79 4.10 -11.97 6.12
CA PHE B 79 4.82 -13.04 5.45
C PHE B 79 6.33 -13.12 5.73
N ALA B 80 6.87 -12.31 6.66
CA ALA B 80 8.32 -12.23 6.87
C ALA B 80 8.96 -13.59 7.15
N HIS B 81 8.21 -14.45 7.83
CA HIS B 81 8.70 -15.76 8.24
C HIS B 81 8.39 -16.84 7.22
N HIS B 82 7.78 -16.47 6.11
CA HIS B 82 7.42 -17.47 5.13
C HIS B 82 8.67 -18.05 4.46
N ASN B 83 8.64 -19.36 4.21
CA ASN B 83 9.70 -20.07 3.51
C ASN B 83 10.17 -19.41 2.20
N LEU B 84 9.25 -18.75 1.49
CA LEU B 84 9.59 -18.02 0.26
C LEU B 84 10.76 -17.06 0.51
N PHE B 85 10.77 -16.40 1.68
CA PHE B 85 11.79 -15.36 1.90
C PHE B 85 12.97 -15.86 2.73
N HIS B 86 13.04 -17.19 2.86
CA HIS B 86 14.11 -17.85 3.59
C HIS B 86 15.34 -17.93 2.70
N GLU B 87 16.50 -17.62 3.26
CA GLU B 87 17.72 -17.48 2.47
C GLU B 87 18.14 -18.83 1.86
N GLY B 88 18.52 -18.80 0.60
CA GLY B 88 18.80 -20.02 -0.13
C GLY B 88 17.49 -20.64 -0.61
N SER B 89 16.58 -19.79 -1.06
CA SER B 89 15.28 -20.28 -1.53
C SER B 89 15.29 -20.31 -3.03
N ASN B 90 14.97 -21.47 -3.58
CA ASN B 90 15.06 -21.65 -5.01
C ASN B 90 13.96 -20.87 -5.73
N ASN B 91 12.92 -20.55 -4.98
CA ASN B 91 11.66 -20.13 -5.57
C ASN B 91 11.42 -18.64 -5.62
N LEU B 92 12.31 -17.86 -5.00
CA LEU B 92 12.17 -16.42 -5.02
C LEU B 92 12.97 -15.83 -6.18
N ILE B 93 12.37 -14.93 -6.92
CA ILE B 93 13.11 -14.15 -7.91
C ILE B 93 12.89 -12.67 -7.66
N LEU B 94 13.98 -11.95 -7.39
CA LEU B 94 13.93 -10.53 -7.14
C LEU B 94 14.39 -9.80 -8.38
N ILE B 95 13.57 -8.86 -8.85
CA ILE B 95 13.95 -8.03 -9.96
C ILE B 95 14.04 -6.61 -9.45
N LEU B 96 15.22 -6.01 -9.61
CA LEU B 96 15.42 -4.61 -9.25
C LEU B 96 15.22 -3.72 -10.46
N LEU B 97 14.04 -3.12 -10.52
CA LEU B 97 13.61 -2.38 -11.68
C LEU B 97 14.19 -0.97 -11.69
N GLU B 98 14.28 -0.42 -10.49
CA GLU B 98 14.81 0.91 -10.23
C GLU B 98 15.54 0.76 -8.88
N PRO B 99 16.67 1.46 -8.70
CA PRO B 99 17.46 1.35 -7.45
C PRO B 99 16.73 1.77 -6.18
N ILE B 100 17.06 1.12 -5.06
CA ILE B 100 16.53 1.51 -3.74
C ILE B 100 17.72 1.68 -2.79
N PRO B 101 18.07 2.91 -2.45
CA PRO B 101 19.12 3.17 -1.44
C PRO B 101 18.71 2.63 -0.03
N GLN B 102 19.66 2.05 0.72
CA GLN B 102 19.32 1.46 2.02
C GLN B 102 18.58 2.41 2.97
N ASN B 103 18.92 3.69 2.94
CA ASN B 103 18.34 4.62 3.89
C ASN B 103 16.93 5.07 3.55
N SER B 104 16.41 4.68 2.38
CA SER B 104 15.02 5.03 2.07
C SER B 104 14.08 3.96 2.63
N ILE B 105 14.65 2.83 3.01
CA ILE B 105 13.85 1.71 3.50
C ILE B 105 13.66 1.82 5.02
N PRO B 106 12.39 1.89 5.46
CA PRO B 106 12.09 1.95 6.91
C PRO B 106 12.74 0.79 7.69
N ASN B 107 13.28 1.08 8.86
CA ASN B 107 14.05 0.07 9.58
C ASN B 107 13.22 -1.09 10.12
N LYS B 108 11.89 -0.92 10.16
CA LYS B 108 11.04 -2.04 10.53
C LYS B 108 10.84 -3.05 9.40
N TYR B 109 11.26 -2.71 8.17
CA TYR B 109 11.21 -3.69 7.09
C TYR B 109 12.42 -4.60 7.17
N HIS B 110 12.52 -5.43 8.22
CA HIS B 110 13.73 -6.23 8.41
C HIS B 110 13.93 -7.23 7.31
N LYS B 111 12.85 -7.90 6.88
CA LYS B 111 13.04 -8.93 5.91
C LYS B 111 13.46 -8.33 4.56
N LEU B 112 12.86 -7.22 4.19
CA LEU B 112 13.23 -6.59 2.94
C LEU B 112 14.70 -6.17 2.99
N LYS B 113 15.14 -5.59 4.11
CA LYS B 113 16.53 -5.12 4.17
C LYS B 113 17.48 -6.28 4.14
N ALA B 114 17.16 -7.36 4.83
CA ALA B 114 17.96 -8.59 4.65
C ALA B 114 18.05 -9.10 3.19
N LEU B 115 16.90 -9.14 2.50
CA LEU B 115 16.89 -9.61 1.12
C LEU B 115 17.77 -8.74 0.24
N MET B 116 17.63 -7.42 0.37
CA MET B 116 18.42 -6.47 -0.40
C MET B 116 19.91 -6.64 -0.09
N THR B 117 20.17 -6.99 1.16
CA THR B 117 21.51 -7.28 1.58
C THR B 117 22.13 -8.52 0.91
N GLN B 118 21.33 -9.57 0.67
CA GLN B 118 21.88 -10.73 -0.07
C GLN B 118 22.46 -10.36 -1.43
N ARG B 119 21.87 -9.36 -2.08
CA ARG B 119 22.33 -8.89 -3.38
C ARG B 119 22.31 -10.04 -4.39
N THR B 120 21.20 -10.76 -4.41
CA THR B 120 21.01 -11.85 -5.35
C THR B 120 20.02 -11.42 -6.43
N TYR B 121 19.63 -10.15 -6.37
CA TYR B 121 18.60 -9.65 -7.26
C TYR B 121 19.13 -9.47 -8.68
N LEU B 122 18.19 -9.49 -9.64
CA LEU B 122 18.47 -9.27 -11.05
C LEU B 122 18.18 -7.84 -11.41
N GLN B 123 19.21 -7.10 -11.80
CA GLN B 123 19.03 -5.68 -11.99
C GLN B 123 18.67 -5.36 -13.42
N TRP B 124 17.65 -4.53 -13.60
CA TRP B 124 17.23 -4.05 -14.90
C TRP B 124 18.18 -2.97 -15.36
N PRO B 125 18.84 -3.17 -16.51
CA PRO B 125 19.85 -2.21 -16.99
C PRO B 125 19.28 -1.04 -17.82
N LYS B 126 19.86 0.15 -17.62
CA LYS B 126 19.55 1.33 -18.43
C LYS B 126 19.97 1.15 -19.90
N GLU B 127 21.24 0.78 -20.09
CA GLU B 127 21.81 0.44 -21.40
C GLU B 127 21.16 -0.81 -22.00
N LYS B 128 20.64 -0.68 -23.21
CA LYS B 128 19.87 -1.75 -23.84
C LYS B 128 20.74 -2.94 -24.31
N SER B 129 22.05 -2.78 -24.29
CA SER B 129 22.94 -3.86 -24.70
C SER B 129 23.14 -4.88 -23.57
N LYS B 130 22.86 -4.50 -22.33
CA LYS B 130 23.01 -5.46 -21.24
C LYS B 130 21.72 -6.22 -20.94
N ARG B 131 20.63 -5.81 -21.56
CA ARG B 131 19.42 -6.63 -21.54
C ARG B 131 19.73 -7.89 -22.32
N GLY B 132 18.86 -8.88 -22.28
CA GLY B 132 19.19 -10.11 -22.97
C GLY B 132 20.02 -10.95 -22.03
N LEU B 133 21.10 -10.41 -21.46
CA LEU B 133 21.73 -11.11 -20.34
C LEU B 133 20.70 -11.12 -19.19
N PHE B 134 19.98 -10.01 -19.05
CA PHE B 134 18.90 -9.93 -18.08
C PHE B 134 17.80 -10.96 -18.40
N TRP B 135 17.27 -10.89 -19.62
CA TRP B 135 16.25 -11.84 -20.05
C TRP B 135 16.73 -13.29 -20.02
N ALA B 136 17.98 -13.52 -20.42
CA ALA B 136 18.54 -14.87 -20.34
C ALA B 136 18.55 -15.37 -18.89
N ASN B 137 18.87 -14.47 -17.95
CA ASN B 137 18.79 -14.84 -16.53
C ASN B 137 17.34 -15.20 -16.13
N ILE B 138 16.37 -14.42 -16.60
CA ILE B 138 14.99 -14.78 -16.32
C ILE B 138 14.62 -16.16 -16.84
N ARG B 139 14.93 -16.46 -18.11
CA ARG B 139 14.58 -17.78 -18.65
C ARG B 139 15.35 -18.90 -17.96
N ALA B 140 16.56 -18.58 -17.51
CA ALA B 140 17.35 -19.51 -16.72
C ALA B 140 16.61 -19.88 -15.43
N ALA B 141 15.96 -18.90 -14.81
CA ALA B 141 15.22 -19.19 -13.59
C ALA B 141 14.06 -20.13 -13.91
N PHE B 142 13.60 -20.09 -15.15
CA PHE B 142 12.42 -20.85 -15.53
C PHE B 142 12.57 -22.10 -16.45
N ASN B 143 13.76 -22.70 -16.51
CA ASN B 143 13.91 -24.03 -17.14
C ASN B 143 15.23 -24.70 -16.76
#